data_4UJ0
#
_entry.id   4UJ0
#
_cell.length_a   64.967
_cell.length_b   64.967
_cell.length_c   82.398
_cell.angle_alpha   90.00
_cell.angle_beta   90.00
_cell.angle_gamma   120.00
#
_symmetry.space_group_name_H-M   'P 61 2 2'
#
loop_
_entity.id
_entity.type
_entity.pdbx_description
1 polymer 'FLOWER-SPECIFIC GAMMA-THIONIN-LIKE PROTEIN/ACIDIC PROTEIN'
2 non-polymer 'ACETATE ION'
3 water water
#
_entity_poly.entity_id   1
_entity_poly.type   'polypeptide(L)'
_entity_poly.pdbx_seq_one_letter_code
;AQQICKAPSQTFPGLCFMDSSCRKYCIKEKFTGGHCSKLQRKCLCTKPC
;
_entity_poly.pdbx_strand_id   A,B
#
# COMPACT_ATOMS: atom_id res chain seq x y z
N GLN A 2 -3.84 12.99 6.54
CA GLN A 2 -4.50 11.73 6.22
C GLN A 2 -3.48 10.70 5.74
N GLN A 3 -3.43 9.55 6.40
CA GLN A 3 -2.59 8.44 5.97
C GLN A 3 -3.24 7.77 4.76
N ILE A 4 -2.44 7.40 3.77
CA ILE A 4 -2.96 6.83 2.53
C ILE A 4 -2.64 5.35 2.40
N CYS A 5 -3.66 4.55 2.09
CA CYS A 5 -3.51 3.11 1.90
C CYS A 5 -3.52 2.81 0.41
N LYS A 6 -2.82 1.74 0.04
CA LYS A 6 -2.64 1.42 -1.37
C LYS A 6 -2.91 -0.04 -1.65
N ALA A 7 -3.49 -0.33 -2.81
CA ALA A 7 -3.73 -1.70 -3.26
C ALA A 7 -3.64 -1.75 -4.80
N PRO A 8 -3.20 -2.88 -5.35
CA PRO A 8 -3.14 -2.98 -6.81
C PRO A 8 -4.53 -2.96 -7.41
N SER A 9 -4.66 -2.29 -8.54
CA SER A 9 -5.93 -2.19 -9.22
C SER A 9 -6.38 -3.54 -9.71
N GLN A 10 -7.67 -3.84 -9.52
N GLN A 10 -7.65 -3.85 -9.53
CA GLN A 10 -8.25 -5.10 -9.98
CA GLN A 10 -8.16 -5.13 -10.03
C GLN A 10 -8.96 -4.97 -11.33
C GLN A 10 -8.70 -5.01 -11.45
N THR A 11 -8.92 -3.78 -11.93
CA THR A 11 -9.58 -3.57 -13.21
C THR A 11 -8.70 -2.89 -14.27
N PHE A 12 -7.57 -2.33 -13.87
CA PHE A 12 -6.69 -1.68 -14.85
C PHE A 12 -6.07 -2.71 -15.79
N PRO A 13 -6.22 -2.50 -17.11
CA PRO A 13 -5.65 -3.47 -18.05
C PRO A 13 -4.22 -3.17 -18.48
N GLY A 14 -3.36 -4.16 -18.41
CA GLY A 14 -2.04 -4.05 -19.01
C GLY A 14 -1.07 -3.20 -18.21
N LEU A 15 -0.05 -2.71 -18.90
CA LEU A 15 1.01 -1.95 -18.25
C LEU A 15 0.58 -0.53 -17.95
N CYS A 16 1.01 -0.04 -16.78
CA CYS A 16 0.64 1.30 -16.32
C CYS A 16 1.72 2.34 -16.61
N PHE A 17 1.44 3.23 -17.55
CA PHE A 17 2.36 4.32 -17.88
C PHE A 17 1.76 5.67 -17.54
N MET A 18 0.44 5.83 -17.68
CA MET A 18 -0.21 7.11 -17.42
C MET A 18 -1.00 7.08 -16.11
N ASP A 19 -0.55 7.87 -15.15
CA ASP A 19 -1.25 7.95 -13.87
C ASP A 19 -2.73 8.26 -14.05
N SER A 20 -3.04 9.15 -15.00
CA SER A 20 -4.40 9.65 -15.16
C SER A 20 -5.38 8.53 -15.50
N SER A 21 -4.91 7.56 -16.27
CA SER A 21 -5.73 6.42 -16.67
C SER A 21 -5.96 5.51 -15.46
N CYS A 22 -4.87 5.21 -14.75
CA CYS A 22 -4.95 4.40 -13.54
C CYS A 22 -5.93 5.05 -12.54
N ARG A 23 -5.79 6.34 -12.33
CA ARG A 23 -6.64 7.06 -11.39
C ARG A 23 -8.13 6.81 -11.72
N LYS A 24 -8.46 6.84 -13.01
CA LYS A 24 -9.85 6.71 -13.43
C LYS A 24 -10.39 5.33 -13.06
N TYR A 25 -9.62 4.29 -13.37
CA TYR A 25 -9.99 2.92 -13.00
C TYR A 25 -10.13 2.81 -11.47
N CYS A 26 -9.18 3.39 -10.75
CA CYS A 26 -9.18 3.24 -9.30
C CYS A 26 -10.38 3.90 -8.64
N ILE A 27 -10.79 5.05 -9.15
CA ILE A 27 -11.95 5.72 -8.58
C ILE A 27 -13.21 4.88 -8.80
N LYS A 28 -13.28 4.19 -9.94
CA LYS A 28 -14.41 3.33 -10.22
C LYS A 28 -14.42 2.13 -9.27
N GLU A 29 -13.23 1.77 -8.79
CA GLU A 29 -13.05 0.72 -7.79
C GLU A 29 -13.28 1.22 -6.35
N LYS A 30 -13.78 2.44 -6.21
CA LYS A 30 -14.10 3.03 -4.89
C LYS A 30 -12.87 3.44 -4.08
N PHE A 31 -11.77 3.71 -4.76
CA PHE A 31 -10.63 4.38 -4.19
C PHE A 31 -10.77 5.86 -4.51
N THR A 32 -9.88 6.68 -3.96
CA THR A 32 -9.97 8.12 -4.15
C THR A 32 -8.94 8.63 -5.10
N GLY A 33 -8.09 7.73 -5.59
CA GLY A 33 -7.08 8.07 -6.58
C GLY A 33 -6.26 6.85 -6.97
N GLY A 34 -5.17 7.09 -7.70
CA GLY A 34 -4.31 6.02 -8.12
C GLY A 34 -3.15 6.54 -8.95
N HIS A 35 -2.09 5.76 -9.01
CA HIS A 35 -0.93 6.13 -9.79
C HIS A 35 -0.19 4.88 -10.23
N CYS A 36 0.57 5.02 -11.31
CA CYS A 36 1.41 3.93 -11.80
C CYS A 36 2.65 3.81 -10.94
N SER A 37 3.02 2.58 -10.62
CA SER A 37 4.34 2.36 -10.07
C SER A 37 5.31 2.44 -11.25
N LYS A 38 6.20 3.43 -11.23
CA LYS A 38 7.17 3.61 -12.32
C LYS A 38 8.04 2.36 -12.41
N LEU A 39 8.06 1.63 -11.31
CA LEU A 39 8.91 0.47 -11.13
C LEU A 39 8.42 -0.72 -11.95
N GLN A 40 7.26 -1.23 -11.55
CA GLN A 40 6.70 -2.48 -12.02
C GLN A 40 5.60 -2.19 -13.03
N ARG A 41 5.32 -0.90 -13.25
CA ARG A 41 4.29 -0.49 -14.20
C ARG A 41 2.93 -1.11 -13.86
N LYS A 42 2.60 -1.15 -12.57
CA LYS A 42 1.27 -1.55 -12.11
C LYS A 42 0.48 -0.32 -11.75
N CYS A 43 -0.83 -0.38 -11.93
CA CYS A 43 -1.73 0.65 -11.42
C CYS A 43 -2.01 0.39 -9.94
N LEU A 44 -1.66 1.36 -9.10
CA LEU A 44 -1.82 1.26 -7.64
C LEU A 44 -2.90 2.23 -7.20
N CYS A 45 -3.97 1.69 -6.63
CA CYS A 45 -5.07 2.51 -6.18
C CYS A 45 -4.82 2.97 -4.76
N THR A 46 -5.28 4.19 -4.45
CA THR A 46 -5.04 4.79 -3.16
C THR A 46 -6.32 5.36 -2.54
N LYS A 47 -6.41 5.26 -1.22
CA LYS A 47 -7.49 5.90 -0.47
C LYS A 47 -7.01 6.13 0.95
N PRO A 48 -7.63 7.06 1.65
CA PRO A 48 -7.31 7.25 3.06
C PRO A 48 -7.50 5.96 3.83
N CYS A 49 -6.53 5.66 4.68
CA CYS A 49 -6.63 4.49 5.56
C CYS A 49 -7.73 4.74 6.57
N GLN B 3 -10.06 -6.82 -0.76
CA GLN B 3 -8.67 -6.50 -1.03
C GLN B 3 -7.92 -6.08 0.21
N ILE B 4 -6.64 -6.39 0.25
CA ILE B 4 -5.79 -5.96 1.35
C ILE B 4 -5.15 -4.64 0.93
N CYS B 5 -5.15 -3.67 1.84
CA CYS B 5 -4.52 -2.39 1.60
C CYS B 5 -3.28 -2.30 2.45
N LYS B 6 -2.26 -1.60 1.97
CA LYS B 6 -1.02 -1.45 2.73
C LYS B 6 -0.67 0.02 2.88
N ALA B 7 -0.03 0.34 3.99
CA ALA B 7 0.49 1.67 4.24
C ALA B 7 1.74 1.54 5.10
N PRO B 8 2.76 2.35 4.83
CA PRO B 8 3.93 2.32 5.69
C PRO B 8 3.58 2.69 7.13
N SER B 9 4.14 1.96 8.07
CA SER B 9 3.96 2.29 9.47
C SER B 9 4.42 3.71 9.75
N GLN B 10 3.59 4.46 10.48
CA GLN B 10 3.93 5.81 10.87
C GLN B 10 4.65 5.92 12.21
N THR B 11 4.69 4.82 12.96
CA THR B 11 5.34 4.87 14.27
C THR B 11 6.57 3.97 14.35
N PHE B 12 6.73 3.04 13.41
CA PHE B 12 7.85 2.12 13.48
C PHE B 12 9.16 2.87 13.32
N PRO B 13 10.12 2.62 14.21
CA PRO B 13 11.41 3.32 14.21
C PRO B 13 12.46 2.66 13.33
N GLY B 14 12.79 3.30 12.21
CA GLY B 14 13.93 2.86 11.42
C GLY B 14 13.65 1.66 10.53
N LEU B 15 14.72 0.98 10.15
CA LEU B 15 14.63 -0.12 9.21
C LEU B 15 13.96 -1.33 9.83
N CYS B 16 13.25 -2.04 8.96
CA CYS B 16 12.47 -3.21 9.33
C CYS B 16 13.19 -4.51 8.94
N PHE B 17 13.62 -5.29 9.92
CA PHE B 17 14.24 -6.60 9.67
C PHE B 17 13.45 -7.80 10.22
N MET B 18 12.53 -7.56 11.15
CA MET B 18 11.74 -8.68 11.70
C MET B 18 10.24 -8.41 11.60
N ASP B 19 9.52 -9.33 10.94
CA ASP B 19 8.10 -9.13 10.69
C ASP B 19 7.37 -8.86 12.00
N SER B 20 7.69 -9.64 13.03
CA SER B 20 6.96 -9.56 14.29
C SER B 20 7.04 -8.18 14.93
N SER B 21 8.19 -7.51 14.82
CA SER B 21 8.34 -6.17 15.39
CA SER B 21 8.35 -6.17 15.38
C SER B 21 7.47 -5.18 14.64
N CYS B 22 7.47 -5.30 13.31
CA CYS B 22 6.64 -4.45 12.47
C CYS B 22 5.17 -4.66 12.83
N ARG B 23 4.76 -5.92 12.94
CA ARG B 23 3.39 -6.27 13.27
C ARG B 23 2.97 -5.57 14.56
N LYS B 24 3.85 -5.59 15.55
CA LYS B 24 3.53 -4.96 16.84
C LYS B 24 3.17 -3.47 16.75
N TYR B 25 3.97 -2.72 16.00
CA TYR B 25 3.72 -1.29 15.79
C TYR B 25 2.46 -1.05 14.97
N CYS B 26 2.27 -1.86 13.95
CA CYS B 26 1.11 -1.71 13.08
C CYS B 26 -0.17 -1.96 13.85
N ILE B 27 -0.14 -2.91 14.77
CA ILE B 27 -1.31 -3.17 15.59
C ILE B 27 -1.61 -1.98 16.50
N LYS B 28 -0.55 -1.36 17.03
CA LYS B 28 -0.73 -0.15 17.83
C LYS B 28 -1.35 0.99 17.01
N GLU B 29 -1.10 1.00 15.69
CA GLU B 29 -1.71 1.96 14.78
C GLU B 29 -3.07 1.51 14.27
N LYS B 30 -3.58 0.43 14.87
CA LYS B 30 -4.92 -0.10 14.58
C LYS B 30 -5.07 -0.71 13.17
N PHE B 31 -3.96 -1.18 12.58
CA PHE B 31 -4.02 -2.06 11.43
C PHE B 31 -4.16 -3.47 11.94
N THR B 32 -4.42 -4.41 11.02
CA THR B 32 -4.64 -5.79 11.37
C THR B 32 -3.31 -6.47 11.63
N GLY B 33 -2.27 -5.99 10.97
CA GLY B 33 -0.94 -6.49 11.22
C GLY B 33 0.02 -5.77 10.32
N GLY B 34 1.15 -6.39 10.09
CA GLY B 34 2.19 -5.76 9.33
C GLY B 34 3.33 -6.72 9.15
N HIS B 35 4.19 -6.39 8.19
CA HIS B 35 5.35 -7.20 7.88
C HIS B 35 6.40 -6.33 7.19
N CYS B 36 7.63 -6.81 7.15
CA CYS B 36 8.70 -6.07 6.47
C CYS B 36 8.60 -6.30 4.99
N SER B 37 8.68 -5.22 4.22
CA SER B 37 9.00 -5.31 2.82
C SER B 37 10.50 -5.47 2.74
N LYS B 38 10.93 -6.66 2.32
CA LYS B 38 12.33 -7.04 2.33
C LYS B 38 13.21 -6.13 1.49
N LEU B 39 12.75 -5.80 0.29
CA LEU B 39 13.58 -5.06 -0.66
C LEU B 39 14.12 -3.73 -0.11
N GLN B 40 13.28 -2.96 0.57
N GLN B 40 13.26 -2.97 0.58
CA GLN B 40 13.75 -1.70 1.13
CA GLN B 40 13.72 -1.69 1.14
C GLN B 40 13.60 -1.66 2.65
C GLN B 40 13.63 -1.66 2.67
N ARG B 41 13.50 -2.83 3.27
CA ARG B 41 13.50 -2.95 4.74
C ARG B 41 12.53 -1.98 5.38
N LYS B 42 11.31 -1.97 4.89
CA LYS B 42 10.33 -1.00 5.35
C LYS B 42 9.17 -1.74 5.99
N CYS B 43 8.70 -1.21 7.12
CA CYS B 43 7.56 -1.79 7.80
C CYS B 43 6.27 -1.34 7.15
N LEU B 44 5.49 -2.30 6.64
CA LEU B 44 4.22 -2.01 5.97
C LEU B 44 3.08 -2.60 6.75
N CYS B 45 2.12 -1.77 7.10
CA CYS B 45 0.93 -2.20 7.81
C CYS B 45 -0.17 -2.59 6.82
N THR B 46 -1.02 -3.54 7.23
CA THR B 46 -2.05 -4.04 6.36
C THR B 46 -3.41 -4.02 7.03
N LYS B 47 -4.43 -3.76 6.23
CA LYS B 47 -5.78 -3.89 6.70
C LYS B 47 -6.64 -3.97 5.45
N PRO B 48 -7.88 -4.42 5.59
CA PRO B 48 -8.74 -4.47 4.39
C PRO B 48 -9.00 -3.08 3.81
N CYS B 49 -9.06 -2.96 2.49
CA CYS B 49 -9.36 -1.68 1.86
C CYS B 49 -10.75 -1.23 2.20
#